data_5FCE
#
_entry.id   5FCE
#
_cell.length_a   35.901
_cell.length_b   56.722
_cell.length_c   59.746
_cell.angle_alpha   90.000
_cell.angle_beta   107.220
_cell.angle_gamma   90.000
#
_symmetry.space_group_name_H-M   'P 1 21 1'
#
loop_
_entity.id
_entity.type
_entity.pdbx_description
1 polymer 'LPXTG family cell surface protein Fms2'
2 water water
#
_entity_poly.entity_id   1
_entity_poly.type   'polypeptide(L)'
_entity_poly.pdbx_seq_one_letter_code
;NENLSFTVKTDRIVYD(MSE)TQQVITIPVKPNKSVNASDVHAVLTYGWDGNGSSEKVIGEVYLKDVQWTAGIEYTI
(MSE)ISAELSIDEIKSKDKVDLIVFYDGQ(MSE)TITENLKPSSWTVVGP
;
_entity_poly.pdbx_strand_id   A,B
#
# COMPACT_ATOMS: atom_id res chain seq x y z
N GLU A 2 -2.33 -10.89 -18.45
CA GLU A 2 -1.87 -9.77 -17.62
C GLU A 2 -3.03 -9.09 -16.87
N ASN A 3 -2.80 -8.75 -15.60
CA ASN A 3 -3.86 -8.12 -14.79
C ASN A 3 -4.26 -6.74 -15.29
N LEU A 4 -5.57 -6.50 -15.36
CA LEU A 4 -6.08 -5.14 -15.59
C LEU A 4 -5.61 -4.17 -14.51
N SER A 5 -5.15 -2.99 -14.93
CA SER A 5 -4.88 -1.88 -14.02
C SER A 5 -5.32 -0.58 -14.65
N PHE A 6 -5.48 0.45 -13.82
CA PHE A 6 -5.87 1.77 -14.30
C PHE A 6 -4.87 2.83 -13.86
N THR A 7 -4.58 3.78 -14.74
CA THR A 7 -3.81 4.95 -14.35
C THR A 7 -4.78 6.13 -14.34
N VAL A 8 -4.44 7.18 -13.60
CA VAL A 8 -5.30 8.36 -13.52
C VAL A 8 -4.44 9.59 -13.57
N LYS A 9 -4.80 10.54 -14.43
CA LYS A 9 -4.21 11.88 -14.37
C LYS A 9 -4.95 12.65 -13.30
N THR A 10 -4.35 12.76 -12.12
CA THR A 10 -5.07 13.24 -10.93
C THR A 10 -5.64 14.65 -11.06
N ASP A 11 -4.98 15.53 -11.82
CA ASP A 11 -5.51 16.91 -11.93
C ASP A 11 -6.77 17.01 -12.79
N ARG A 12 -7.09 15.93 -13.50
CA ARG A 12 -8.33 15.83 -14.26
C ARG A 12 -9.49 15.28 -13.45
N ILE A 13 -9.22 14.83 -12.23
CA ILE A 13 -10.31 14.45 -11.32
C ILE A 13 -11.05 15.73 -10.93
N VAL A 14 -12.38 15.68 -10.95
CA VAL A 14 -13.18 16.84 -10.57
C VAL A 14 -14.03 16.57 -9.32
N TYR A 15 -13.93 17.45 -8.32
CA TYR A 15 -14.90 17.41 -7.21
C TYR A 15 -15.90 18.53 -7.48
N ASP A 16 -17.15 18.16 -7.72
CA ASP A 16 -18.23 19.14 -7.93
C ASP A 16 -18.94 19.38 -6.58
N MSE A 17 -18.77 20.58 -6.05
CA MSE A 17 -19.32 20.98 -4.75
C MSE A 17 -20.85 21.09 -4.78
O MSE A 17 -21.53 20.81 -3.78
CB MSE A 17 -18.70 22.33 -4.42
CG MSE A 17 -19.03 22.98 -3.13
SE MSE A 17 -17.97 24.61 -3.26
CE MSE A 17 -16.21 23.73 -3.21
N THR A 18 -21.37 21.47 -5.94
CA THR A 18 -22.81 21.65 -6.11
C THR A 18 -23.54 20.30 -6.03
N GLN A 19 -23.04 19.33 -6.77
CA GLN A 19 -23.70 18.03 -6.80
C GLN A 19 -23.12 17.04 -5.81
N GLN A 20 -22.01 17.43 -5.17
CA GLN A 20 -21.24 16.51 -4.34
C GLN A 20 -20.97 15.24 -5.13
N VAL A 21 -20.40 15.40 -6.32
CA VAL A 21 -20.04 14.28 -7.17
C VAL A 21 -18.56 14.37 -7.53
N ILE A 22 -17.85 13.24 -7.45
CA ILE A 22 -16.48 13.15 -7.88
C ILE A 22 -16.41 12.40 -9.20
N THR A 23 -15.78 13.03 -10.19
CA THR A 23 -15.61 12.44 -11.50
C THR A 23 -14.15 12.03 -11.70
N ILE A 24 -13.92 10.76 -12.03
CA ILE A 24 -12.57 10.21 -12.16
C ILE A 24 -12.37 9.57 -13.51
N PRO A 25 -11.46 10.13 -14.31
CA PRO A 25 -11.14 9.53 -15.60
C PRO A 25 -10.06 8.47 -15.43
N VAL A 26 -10.42 7.21 -15.66
CA VAL A 26 -9.43 6.16 -15.54
C VAL A 26 -9.01 5.66 -16.92
N LYS A 27 -7.74 5.28 -17.04
CA LYS A 27 -7.22 4.72 -18.29
C LYS A 27 -6.79 3.27 -18.06
N PRO A 28 -7.50 2.31 -18.67
CA PRO A 28 -7.13 0.91 -18.47
C PRO A 28 -5.90 0.53 -19.27
N ASN A 29 -5.18 -0.49 -18.82
CA ASN A 29 -3.99 -0.94 -19.53
C ASN A 29 -4.32 -1.98 -20.60
N LYS A 30 -5.53 -2.51 -20.52
CA LYS A 30 -5.97 -3.54 -21.45
C LYS A 30 -7.46 -3.41 -21.65
N SER A 31 -7.98 -4.05 -22.69
CA SER A 31 -9.41 -4.01 -22.96
C SER A 31 -10.10 -5.15 -22.21
N VAL A 32 -11.13 -4.82 -21.44
CA VAL A 32 -11.86 -5.79 -20.63
C VAL A 32 -13.34 -5.40 -20.63
N ASN A 33 -14.21 -6.38 -20.87
CA ASN A 33 -15.64 -6.16 -20.64
C ASN A 33 -16.02 -6.84 -19.32
N ALA A 34 -16.66 -6.10 -18.42
CA ALA A 34 -17.08 -6.65 -17.13
C ALA A 34 -18.58 -6.52 -16.88
N SER A 35 -19.19 -7.61 -16.46
CA SER A 35 -20.62 -7.63 -16.16
C SER A 35 -20.99 -6.75 -14.96
N ASP A 36 -20.21 -6.87 -13.88
CA ASP A 36 -20.52 -6.13 -12.67
C ASP A 36 -19.27 -5.47 -12.10
N VAL A 37 -19.35 -4.17 -11.91
CA VAL A 37 -18.19 -3.40 -11.48
C VAL A 37 -18.59 -2.61 -10.22
N HIS A 38 -17.67 -2.49 -9.27
CA HIS A 38 -17.91 -1.72 -8.05
C HIS A 38 -16.66 -0.92 -7.78
N ALA A 39 -16.77 0.40 -7.86
CA ALA A 39 -15.60 1.26 -7.65
C ALA A 39 -15.72 1.96 -6.32
N VAL A 40 -14.64 1.90 -5.51
CA VAL A 40 -14.69 2.45 -4.16
C VAL A 40 -13.53 3.43 -3.98
N LEU A 41 -13.85 4.68 -3.63
CA LEU A 41 -12.82 5.66 -3.30
C LEU A 41 -12.60 5.59 -1.78
N THR A 42 -11.35 5.43 -1.36
CA THR A 42 -11.09 5.17 0.05
C THR A 42 -9.88 5.97 0.53
N TYR A 43 -9.84 6.28 1.83
CA TYR A 43 -8.60 6.81 2.41
C TYR A 43 -7.88 5.81 3.30
N GLY A 44 -8.25 4.53 3.20
CA GLY A 44 -7.57 3.49 3.94
C GLY A 44 -8.26 2.14 3.91
N TRP A 45 -8.09 1.40 2.83
CA TRP A 45 -8.67 0.07 2.74
C TRP A 45 -7.93 -0.78 1.71
N ASP A 46 -7.71 -2.05 2.03
CA ASP A 46 -6.98 -2.95 1.14
C ASP A 46 -7.88 -3.68 0.13
N GLY A 47 -9.17 -3.42 0.23
CA GLY A 47 -10.14 -4.03 -0.67
C GLY A 47 -10.62 -5.40 -0.21
N ASN A 48 -10.19 -5.83 0.98
CA ASN A 48 -10.57 -7.14 1.50
C ASN A 48 -11.60 -7.00 2.62
N GLY A 49 -12.51 -7.98 2.73
CA GLY A 49 -13.57 -7.90 3.72
C GLY A 49 -14.54 -6.78 3.39
N SER A 50 -15.18 -6.22 4.41
CA SER A 50 -16.10 -5.11 4.20
C SER A 50 -15.36 -3.80 3.94
N SER A 51 -16.02 -2.88 3.24
CA SER A 51 -15.38 -1.63 2.88
C SER A 51 -15.10 -0.77 4.11
N GLU A 52 -13.98 -0.07 4.08
CA GLU A 52 -13.60 0.83 5.18
C GLU A 52 -13.17 2.19 4.62
N LYS A 53 -13.30 3.22 5.45
CA LYS A 53 -12.86 4.58 5.14
C LYS A 53 -13.32 5.03 3.76
N VAL A 54 -14.62 4.87 3.50
CA VAL A 54 -15.21 5.15 2.20
C VAL A 54 -15.45 6.64 1.97
N ILE A 55 -14.88 7.17 0.89
CA ILE A 55 -15.13 8.55 0.48
C ILE A 55 -16.33 8.51 -0.44
N GLY A 56 -16.46 7.42 -1.19
CA GLY A 56 -17.64 7.21 -2.00
C GLY A 56 -17.51 5.95 -2.84
N GLU A 57 -18.63 5.52 -3.43
CA GLU A 57 -18.64 4.29 -4.21
C GLU A 57 -19.76 4.29 -5.25
N VAL A 58 -19.61 3.44 -6.26
CA VAL A 58 -20.62 3.33 -7.29
C VAL A 58 -20.65 1.90 -7.80
N TYR A 59 -21.84 1.45 -8.19
CA TYR A 59 -22.02 0.13 -8.78
C TYR A 59 -22.44 0.30 -10.24
N LEU A 60 -21.76 -0.43 -11.12
CA LEU A 60 -21.96 -0.27 -12.56
C LEU A 60 -22.23 -1.62 -13.19
N LYS A 61 -23.00 -1.61 -14.27
CA LYS A 61 -23.29 -2.87 -14.97
C LYS A 61 -22.80 -2.78 -16.41
N ASP A 62 -22.31 -3.90 -16.92
CA ASP A 62 -21.91 -4.04 -18.33
C ASP A 62 -20.98 -2.93 -18.79
N VAL A 63 -19.81 -2.90 -18.18
CA VAL A 63 -18.82 -1.88 -18.47
C VAL A 63 -17.89 -2.38 -19.56
N GLN A 64 -17.56 -1.50 -20.49
CA GLN A 64 -16.67 -1.81 -21.60
C GLN A 64 -15.44 -0.91 -21.49
N TRP A 65 -14.31 -1.50 -21.10
CA TRP A 65 -13.05 -0.79 -21.01
C TRP A 65 -12.20 -1.08 -22.24
N THR A 66 -11.70 -0.02 -22.85
CA THR A 66 -10.82 -0.14 -24.00
C THR A 66 -9.43 0.37 -23.64
N ALA A 67 -8.43 -0.49 -23.88
CA ALA A 67 -7.04 -0.20 -23.53
C ALA A 67 -6.61 1.17 -23.98
N GLY A 68 -6.15 1.99 -23.04
CA GLY A 68 -5.61 3.30 -23.35
C GLY A 68 -6.63 4.40 -23.57
N ILE A 69 -7.91 4.06 -23.48
CA ILE A 69 -8.97 5.06 -23.65
C ILE A 69 -9.62 5.41 -22.33
N GLU A 70 -9.78 6.71 -22.07
CA GLU A 70 -10.31 7.16 -20.77
C GLU A 70 -11.76 6.76 -20.55
N TYR A 71 -12.03 6.29 -19.34
CA TYR A 71 -13.36 5.89 -18.94
C TYR A 71 -13.71 6.71 -17.72
N THR A 72 -14.92 7.25 -17.68
CA THR A 72 -15.28 8.16 -16.62
C THR A 72 -16.15 7.53 -15.55
N ILE A 73 -15.62 7.47 -14.34
CA ILE A 73 -16.37 7.00 -13.19
C ILE A 73 -16.92 8.19 -12.41
N MSE A 74 -18.18 8.10 -12.02
CA MSE A 74 -18.80 9.17 -11.24
C MSE A 74 -19.21 8.61 -9.90
O MSE A 74 -19.92 7.60 -9.83
CB MSE A 74 -20.02 9.72 -11.98
CG MSE A 74 -19.71 10.21 -13.39
SE MSE A 74 -21.31 11.03 -14.15
CE MSE A 74 -22.44 11.04 -12.55
N ILE A 75 -18.75 9.28 -8.84
CA ILE A 75 -18.98 8.82 -7.47
C ILE A 75 -19.62 9.90 -6.59
N SER A 76 -20.68 9.55 -5.87
CA SER A 76 -21.29 10.51 -4.94
C SER A 76 -20.35 10.71 -3.75
N ALA A 77 -20.01 11.96 -3.42
CA ALA A 77 -19.07 12.25 -2.34
C ALA A 77 -19.68 12.17 -0.94
N GLU A 78 -19.12 11.32 -0.09
CA GLU A 78 -19.64 11.17 1.28
C GLU A 78 -18.79 11.91 2.32
N LEU A 79 -17.72 12.54 1.84
CA LEU A 79 -16.85 13.40 2.65
C LEU A 79 -16.62 14.68 1.85
N SER A 80 -16.55 15.81 2.56
CA SER A 80 -16.36 17.10 1.91
C SER A 80 -14.97 17.16 1.31
N ILE A 81 -14.74 18.09 0.38
CA ILE A 81 -13.42 18.15 -0.25
C ILE A 81 -12.35 18.55 0.75
N ASP A 82 -12.68 19.44 1.70
CA ASP A 82 -11.71 19.80 2.74
C ASP A 82 -11.25 18.57 3.53
N GLU A 83 -12.20 17.72 3.91
CA GLU A 83 -11.88 16.52 4.65
C GLU A 83 -11.08 15.52 3.82
N ILE A 84 -11.40 15.44 2.54
CA ILE A 84 -10.69 14.52 1.65
C ILE A 84 -9.23 14.97 1.52
N LYS A 85 -9.01 16.27 1.42
CA LYS A 85 -7.65 16.79 1.24
C LYS A 85 -6.80 16.63 2.51
N SER A 86 -7.47 16.36 3.63
CA SER A 86 -6.80 16.20 4.93
C SER A 86 -6.19 14.80 5.05
N LYS A 87 -6.62 13.90 4.18
CA LYS A 87 -6.17 12.51 4.26
C LYS A 87 -4.76 12.32 3.70
N ASP A 88 -4.07 11.31 4.22
CA ASP A 88 -2.70 11.06 3.79
C ASP A 88 -2.59 10.41 2.42
N LYS A 89 -3.61 9.65 2.04
CA LYS A 89 -3.56 8.86 0.81
C LYS A 89 -4.96 8.46 0.37
N VAL A 90 -5.31 8.77 -0.87
CA VAL A 90 -6.62 8.38 -1.41
C VAL A 90 -6.39 7.34 -2.50
N ASP A 91 -7.06 6.20 -2.39
CA ASP A 91 -6.95 5.16 -3.40
C ASP A 91 -8.31 4.90 -4.05
N LEU A 92 -8.28 4.41 -5.29
CA LEU A 92 -9.47 3.92 -5.96
C LEU A 92 -9.36 2.41 -6.15
N ILE A 93 -10.32 1.68 -5.63
CA ILE A 93 -10.34 0.23 -5.76
C ILE A 93 -11.43 -0.12 -6.76
N VAL A 94 -11.07 -0.87 -7.80
CA VAL A 94 -12.05 -1.27 -8.81
C VAL A 94 -12.24 -2.76 -8.76
N PHE A 95 -13.44 -3.17 -8.39
CA PHE A 95 -13.83 -4.58 -8.42
C PHE A 95 -14.52 -4.85 -9.74
N TYR A 96 -14.20 -5.97 -10.36
CA TYR A 96 -14.80 -6.33 -11.65
C TYR A 96 -14.90 -7.85 -11.75
N ASP A 97 -16.14 -8.33 -11.79
CA ASP A 97 -16.42 -9.75 -11.94
C ASP A 97 -15.61 -10.68 -11.04
N GLY A 98 -15.42 -10.25 -9.79
CA GLY A 98 -14.76 -11.06 -8.79
C GLY A 98 -13.29 -10.75 -8.56
N GLN A 99 -12.73 -9.92 -9.43
CA GLN A 99 -11.33 -9.54 -9.33
C GLN A 99 -11.23 -8.10 -8.88
N MSE A 100 -10.03 -7.64 -8.56
CA MSE A 100 -9.89 -6.25 -8.10
C MSE A 100 -8.56 -5.66 -8.48
O MSE A 100 -7.58 -6.37 -8.63
CB MSE A 100 -10.10 -6.16 -6.59
CG MSE A 100 -9.15 -6.99 -5.76
SE MSE A 100 -9.50 -6.52 -3.90
CE MSE A 100 -8.24 -5.05 -3.83
N THR A 101 -8.53 -4.34 -8.62
CA THR A 101 -7.30 -3.64 -8.86
C THR A 101 -7.35 -2.32 -8.11
N ILE A 102 -6.19 -1.88 -7.63
CA ILE A 102 -6.11 -0.66 -6.86
C ILE A 102 -5.22 0.36 -7.57
N THR A 103 -5.77 1.53 -7.84
CA THR A 103 -4.99 2.66 -8.33
C THR A 103 -4.71 3.53 -7.12
N GLU A 104 -3.44 3.71 -6.80
CA GLU A 104 -3.03 4.35 -5.55
C GLU A 104 -2.75 5.84 -5.72
N ASN A 105 -2.94 6.57 -4.62
CA ASN A 105 -2.46 7.95 -4.46
C ASN A 105 -3.07 8.95 -5.44
N LEU A 106 -4.36 9.21 -5.28
CA LEU A 106 -5.09 10.04 -6.23
C LEU A 106 -4.88 11.54 -5.98
N LYS A 107 -4.19 11.89 -4.90
CA LYS A 107 -3.68 13.26 -4.67
C LYS A 107 -4.75 14.35 -4.77
N PRO A 108 -5.70 14.37 -3.81
CA PRO A 108 -6.84 15.29 -3.86
C PRO A 108 -6.44 16.79 -3.90
N SER A 109 -5.24 17.12 -3.41
CA SER A 109 -4.71 18.47 -3.54
C SER A 109 -4.63 18.92 -5.01
N SER A 110 -4.48 17.96 -5.92
CA SER A 110 -4.35 18.27 -7.35
C SER A 110 -5.67 18.34 -8.11
N TRP A 111 -6.76 17.95 -7.44
CA TRP A 111 -8.07 17.86 -8.11
C TRP A 111 -8.64 19.21 -8.49
N THR A 112 -9.36 19.24 -9.61
CA THR A 112 -10.19 20.38 -9.99
C THR A 112 -11.39 20.37 -9.05
N VAL A 113 -11.70 21.51 -8.45
CA VAL A 113 -12.84 21.62 -7.53
C VAL A 113 -13.73 22.75 -8.04
N VAL A 114 -14.97 22.41 -8.38
CA VAL A 114 -15.88 23.41 -8.96
C VAL A 114 -17.21 23.50 -8.22
N GLY A 115 -18.02 24.49 -8.60
CA GLY A 115 -19.27 24.77 -7.91
C GLY A 115 -19.07 25.95 -6.99
N PRO A 116 -20.03 26.88 -6.98
CA PRO A 116 -19.92 28.06 -6.12
C PRO A 116 -20.12 27.72 -4.64
N ASN B 1 0.11 12.85 17.20
CA ASN B 1 1.55 13.05 17.36
C ASN B 1 2.28 11.79 17.81
N GLU B 2 1.67 10.63 17.60
CA GLU B 2 2.26 9.38 18.05
C GLU B 2 3.37 8.87 17.16
N ASN B 3 4.33 8.17 17.76
CA ASN B 3 5.42 7.58 16.99
C ASN B 3 4.93 6.39 16.16
N LEU B 4 5.45 6.29 14.94
CA LEU B 4 5.13 5.17 14.05
C LEU B 4 5.75 3.89 14.60
N SER B 5 5.01 2.80 14.56
CA SER B 5 5.58 1.51 14.86
C SER B 5 4.92 0.47 13.95
N PHE B 6 5.55 -0.68 13.81
CA PHE B 6 4.99 -1.75 12.99
C PHE B 6 4.77 -3.01 13.81
N THR B 7 3.67 -3.71 13.53
CA THR B 7 3.41 -5.05 14.03
C THR B 7 3.73 -6.01 12.90
N VAL B 8 4.24 -7.20 13.22
CA VAL B 8 4.50 -8.24 12.23
C VAL B 8 3.98 -9.57 12.74
N LYS B 9 3.19 -10.25 11.91
CA LYS B 9 2.78 -11.62 12.22
C LYS B 9 3.88 -12.50 11.65
N THR B 10 4.73 -13.01 12.55
CA THR B 10 6.03 -13.56 12.16
C THR B 10 5.94 -14.81 11.28
N ASP B 11 4.85 -15.56 11.42
CA ASP B 11 4.63 -16.77 10.60
C ASP B 11 4.28 -16.41 9.15
N ARG B 12 4.00 -15.13 8.90
CA ARG B 12 3.69 -14.68 7.54
C ARG B 12 4.93 -14.16 6.82
N ILE B 13 6.05 -14.08 7.53
CA ILE B 13 7.33 -13.73 6.88
C ILE B 13 7.73 -14.93 6.04
N VAL B 14 8.15 -14.67 4.81
CA VAL B 14 8.55 -15.74 3.92
C VAL B 14 10.02 -15.62 3.57
N TYR B 15 10.77 -16.69 3.75
CA TYR B 15 12.11 -16.78 3.19
C TYR B 15 12.01 -17.64 1.96
N ASP B 16 12.38 -17.08 0.81
CA ASP B 16 12.38 -17.81 -0.45
C ASP B 16 13.82 -18.22 -0.74
N MSE B 17 14.10 -19.52 -0.68
CA MSE B 17 15.46 -20.01 -0.90
C MSE B 17 15.87 -19.91 -2.36
O MSE B 17 17.06 -19.88 -2.68
CB MSE B 17 15.60 -21.46 -0.41
CG MSE B 17 15.62 -21.63 1.11
SE MSE B 17 15.34 -23.51 1.60
CE MSE B 17 15.58 -24.21 -0.17
N THR B 18 14.90 -19.85 -3.26
CA THR B 18 15.20 -19.81 -4.68
C THR B 18 15.71 -18.44 -5.09
N GLN B 19 15.05 -17.39 -4.61
CA GLN B 19 15.44 -16.02 -4.93
C GLN B 19 16.34 -15.43 -3.86
N GLN B 20 16.42 -16.11 -2.72
CA GLN B 20 17.12 -15.59 -1.55
C GLN B 20 16.58 -14.22 -1.21
N VAL B 21 15.25 -14.17 -1.08
CA VAL B 21 14.53 -12.95 -0.73
C VAL B 21 13.67 -13.21 0.51
N ILE B 22 13.66 -12.23 1.41
CA ILE B 22 12.77 -12.32 2.57
C ILE B 22 11.68 -11.26 2.42
N THR B 23 10.43 -11.70 2.54
CA THR B 23 9.29 -10.78 2.51
C THR B 23 8.69 -10.65 3.91
N ILE B 24 8.56 -9.41 4.37
CA ILE B 24 8.03 -9.13 5.70
C ILE B 24 6.79 -8.25 5.58
N PRO B 25 5.63 -8.78 5.98
CA PRO B 25 4.47 -7.89 5.95
C PRO B 25 4.40 -7.09 7.24
N VAL B 26 4.57 -5.78 7.13
CA VAL B 26 4.50 -4.90 8.29
C VAL B 26 3.15 -4.19 8.35
N LYS B 27 2.59 -4.08 9.55
CA LYS B 27 1.34 -3.37 9.78
C LYS B 27 1.62 -2.09 10.59
N PRO B 28 1.46 -0.94 9.95
CA PRO B 28 1.76 0.34 10.61
C PRO B 28 0.65 0.67 11.58
N ASN B 29 0.97 1.36 12.67
CA ASN B 29 -0.06 1.77 13.61
C ASN B 29 -0.71 3.09 13.19
N LYS B 30 -0.07 3.78 12.25
CA LYS B 30 -0.60 5.04 11.75
C LYS B 30 -0.25 5.23 10.29
N SER B 31 -0.94 6.17 9.63
CA SER B 31 -0.66 6.52 8.25
C SER B 31 0.50 7.52 8.16
N VAL B 32 1.49 7.17 7.36
CA VAL B 32 2.68 7.99 7.16
C VAL B 32 3.13 7.94 5.70
N ASN B 33 3.40 9.10 5.13
CA ASN B 33 4.06 9.18 3.84
C ASN B 33 5.54 9.52 4.05
N ALA B 34 6.42 8.62 3.65
CA ALA B 34 7.86 8.85 3.81
C ALA B 34 8.57 8.93 2.47
N SER B 35 9.39 9.97 2.30
CA SER B 35 10.17 10.16 1.08
C SER B 35 11.25 9.10 0.93
N ASP B 36 11.94 8.80 2.02
CA ASP B 36 13.08 7.89 2.00
C ASP B 36 13.06 6.91 3.14
N VAL B 37 13.03 5.63 2.79
CA VAL B 37 12.97 4.57 3.78
C VAL B 37 14.17 3.62 3.65
N HIS B 38 14.73 3.21 4.79
CA HIS B 38 15.81 2.24 4.84
C HIS B 38 15.41 1.19 5.86
N ALA B 39 15.15 -0.02 5.39
CA ALA B 39 14.75 -1.10 6.27
C ALA B 39 15.89 -2.11 6.38
N VAL B 40 16.26 -2.44 7.61
CA VAL B 40 17.43 -3.30 7.86
C VAL B 40 17.03 -4.43 8.80
N LEU B 41 17.20 -5.66 8.33
CA LEU B 41 16.98 -6.84 9.16
C LEU B 41 18.30 -7.16 9.85
N THR B 42 18.29 -7.24 11.17
CA THR B 42 19.53 -7.43 11.93
C THR B 42 19.41 -8.50 13.01
N TYR B 43 20.54 -9.03 13.47
CA TYR B 43 20.52 -9.91 14.63
C TYR B 43 21.19 -9.32 15.87
N GLY B 44 21.33 -8.00 15.92
CA GLY B 44 21.88 -7.37 17.12
C GLY B 44 22.01 -5.87 17.17
N TRP B 45 21.84 -5.20 16.04
CA TRP B 45 22.09 -3.77 15.94
C TRP B 45 20.96 -2.94 16.58
N ASP B 46 21.32 -1.84 17.24
CA ASP B 46 20.32 -0.98 17.87
C ASP B 46 19.91 0.19 16.96
N GLY B 47 20.44 0.19 15.75
CA GLY B 47 20.10 1.21 14.78
C GLY B 47 20.97 2.46 14.90
N ASN B 48 21.95 2.42 15.79
CA ASN B 48 22.79 3.59 16.02
C ASN B 48 24.14 3.52 15.33
N GLY B 49 24.60 4.65 14.80
CA GLY B 49 25.86 4.69 14.08
C GLY B 49 25.82 3.85 12.81
N SER B 50 26.87 3.08 12.56
CA SER B 50 26.95 2.28 11.34
C SER B 50 26.36 0.88 11.54
N SER B 51 25.88 0.29 10.44
CA SER B 51 25.15 -0.97 10.48
C SER B 51 26.02 -2.13 10.96
N GLU B 52 25.44 -2.97 11.81
CA GLU B 52 26.14 -4.16 12.31
C GLU B 52 25.20 -5.35 12.22
N LYS B 53 25.79 -6.55 12.14
CA LYS B 53 25.03 -7.79 12.16
C LYS B 53 23.83 -7.72 11.21
N VAL B 54 24.11 -7.46 9.94
CA VAL B 54 23.06 -7.28 8.94
C VAL B 54 22.67 -8.59 8.25
N ILE B 55 21.37 -8.89 8.29
CA ILE B 55 20.82 -10.05 7.61
C ILE B 55 20.46 -9.63 6.18
N GLY B 56 20.02 -8.39 6.02
CA GLY B 56 19.73 -7.84 4.71
C GLY B 56 19.13 -6.46 4.87
N GLU B 57 19.01 -5.71 3.78
CA GLU B 57 18.47 -4.34 3.86
C GLU B 57 17.92 -3.89 2.51
N VAL B 58 17.06 -2.88 2.52
CA VAL B 58 16.49 -2.36 1.28
C VAL B 58 16.29 -0.86 1.41
N TYR B 59 16.53 -0.14 0.32
CA TYR B 59 16.27 1.30 0.27
C TYR B 59 15.05 1.56 -0.60
N LEU B 60 14.10 2.32 -0.08
CA LEU B 60 12.85 2.57 -0.78
C LEU B 60 12.62 4.07 -0.90
N LYS B 61 11.88 4.48 -1.92
CA LYS B 61 11.46 5.87 -1.99
C LYS B 61 9.96 6.04 -2.11
N ASP B 62 9.46 7.16 -1.59
CA ASP B 62 8.05 7.54 -1.73
C ASP B 62 7.09 6.45 -1.26
N VAL B 63 7.30 6.02 -0.01
CA VAL B 63 6.53 4.94 0.58
C VAL B 63 5.30 5.56 1.23
N GLN B 64 4.15 4.93 1.05
CA GLN B 64 2.94 5.37 1.73
C GLN B 64 2.39 4.27 2.60
N TRP B 65 2.47 4.49 3.91
CA TRP B 65 1.96 3.52 4.88
C TRP B 65 0.58 3.97 5.33
N THR B 66 -0.35 3.03 5.41
CA THR B 66 -1.70 3.32 5.84
C THR B 66 -1.99 2.51 7.09
N ALA B 67 -2.51 3.19 8.11
CA ALA B 67 -2.79 2.58 9.42
C ALA B 67 -3.54 1.27 9.29
N GLY B 68 -2.98 0.22 9.87
CA GLY B 68 -3.65 -1.07 9.96
C GLY B 68 -3.62 -1.93 8.72
N ILE B 69 -2.93 -1.47 7.67
CA ILE B 69 -2.91 -2.20 6.41
C ILE B 69 -1.51 -2.73 6.14
N GLU B 70 -1.42 -4.05 5.91
CA GLU B 70 -0.13 -4.68 5.68
C GLU B 70 0.62 -4.12 4.48
N TYR B 71 1.92 -3.90 4.66
CA TYR B 71 2.80 -3.38 3.63
C TYR B 71 3.95 -4.35 3.53
N THR B 72 4.22 -4.84 2.32
CA THR B 72 5.27 -5.82 2.15
C THR B 72 6.64 -5.20 1.87
N ILE B 73 7.59 -5.51 2.74
CA ILE B 73 8.97 -5.13 2.53
C ILE B 73 9.71 -6.34 1.96
N MSE B 74 10.47 -6.14 0.89
CA MSE B 74 11.25 -7.23 0.32
C MSE B 74 12.74 -6.97 0.52
O MSE B 74 13.26 -5.92 0.14
CB MSE B 74 10.95 -7.36 -1.18
CG MSE B 74 9.57 -7.89 -1.48
SE MSE B 74 9.21 -7.77 -3.39
CE MSE B 74 11.05 -8.12 -4.03
N ILE B 75 13.42 -7.95 1.12
CA ILE B 75 14.85 -7.79 1.42
C ILE B 75 15.67 -8.94 0.86
N SER B 76 16.78 -8.61 0.20
CA SER B 76 17.70 -9.66 -0.26
C SER B 76 18.43 -10.29 0.94
N ALA B 77 18.36 -11.61 1.05
CA ALA B 77 18.91 -12.30 2.21
C ALA B 77 20.39 -12.52 2.05
N GLU B 78 21.19 -11.87 2.90
CA GLU B 78 22.65 -11.94 2.86
C GLU B 78 23.16 -13.05 3.77
N LEU B 79 22.24 -13.70 4.48
CA LEU B 79 22.54 -14.91 5.25
C LEU B 79 21.52 -15.97 4.92
N SER B 80 21.95 -17.23 4.93
CA SER B 80 21.07 -18.36 4.64
C SER B 80 20.03 -18.53 5.75
N ILE B 81 18.93 -19.22 5.45
CA ILE B 81 17.90 -19.39 6.47
C ILE B 81 18.40 -20.21 7.67
N ASP B 82 19.28 -21.19 7.43
CA ASP B 82 19.85 -21.97 8.53
C ASP B 82 20.64 -21.06 9.48
N GLU B 83 21.43 -20.16 8.91
CA GLU B 83 22.18 -19.20 9.73
C GLU B 83 21.28 -18.21 10.48
N ILE B 84 20.25 -17.72 9.81
CA ILE B 84 19.32 -16.80 10.45
C ILE B 84 18.62 -17.50 11.62
N LYS B 85 18.24 -18.75 11.40
CA LYS B 85 17.49 -19.47 12.44
C LYS B 85 18.36 -19.76 13.65
N SER B 86 19.68 -19.72 13.48
CA SER B 86 20.60 -19.95 14.60
C SER B 86 20.81 -18.69 15.44
N LYS B 87 20.18 -17.57 15.04
CA LYS B 87 20.34 -16.32 15.78
C LYS B 87 19.41 -16.26 16.99
N ASP B 88 19.87 -15.62 18.05
CA ASP B 88 19.06 -15.50 19.27
C ASP B 88 17.92 -14.49 19.15
N LYS B 89 18.18 -13.39 18.44
CA LYS B 89 17.19 -12.31 18.32
C LYS B 89 17.30 -11.61 16.97
N VAL B 90 16.21 -11.60 16.22
CA VAL B 90 16.19 -10.95 14.91
C VAL B 90 15.25 -9.75 14.99
N ASP B 91 15.75 -8.58 14.62
CA ASP B 91 14.93 -7.37 14.64
C ASP B 91 14.86 -6.70 13.27
N LEU B 92 13.77 -5.98 13.03
CA LEU B 92 13.66 -5.13 11.84
C LEU B 92 13.72 -3.66 12.22
N ILE B 93 14.75 -2.97 11.73
CA ILE B 93 14.87 -1.52 11.94
C ILE B 93 14.37 -0.80 10.69
N VAL B 94 13.42 0.12 10.87
CA VAL B 94 12.90 0.92 9.77
C VAL B 94 13.25 2.38 9.99
N PHE B 95 14.15 2.89 9.16
CA PHE B 95 14.46 4.32 9.13
C PHE B 95 13.51 4.99 8.15
N TYR B 96 13.01 6.16 8.50
CA TYR B 96 12.10 6.88 7.63
C TYR B 96 12.25 8.37 7.84
N ASP B 97 12.69 9.05 6.77
CA ASP B 97 12.85 10.50 6.79
C ASP B 97 13.55 11.06 8.03
N GLY B 98 14.55 10.32 8.51
CA GLY B 98 15.37 10.80 9.61
C GLY B 98 15.01 10.21 10.95
N GLN B 99 13.86 9.54 11.00
CA GLN B 99 13.42 8.88 12.22
C GLN B 99 13.60 7.38 12.10
N MSE B 100 13.40 6.66 13.21
CA MSE B 100 13.54 5.20 13.15
C MSE B 100 12.65 4.49 14.17
O MSE B 100 12.30 5.04 15.21
CB MSE B 100 15.00 4.79 13.34
CG MSE B 100 15.56 5.09 14.71
SE MSE B 100 17.38 4.42 14.93
CE MSE B 100 17.63 4.81 16.82
N THR B 101 12.27 3.26 13.84
CA THR B 101 11.48 2.45 14.73
C THR B 101 12.03 1.03 14.62
N ILE B 102 11.91 0.25 15.69
CA ILE B 102 12.40 -1.12 15.67
C ILE B 102 11.29 -2.07 16.06
N THR B 103 11.05 -3.06 15.20
CA THR B 103 10.09 -4.11 15.51
C THR B 103 10.94 -5.30 15.90
N GLU B 104 10.74 -5.79 17.13
CA GLU B 104 11.66 -6.78 17.69
C GLU B 104 11.13 -8.21 17.65
N ASN B 105 12.06 -9.15 17.77
CA ASN B 105 11.74 -10.59 17.90
C ASN B 105 10.90 -11.17 16.78
N LEU B 106 11.45 -11.22 15.58
CA LEU B 106 10.72 -11.68 14.43
C LEU B 106 10.70 -13.21 14.31
N LYS B 107 11.46 -13.89 15.17
CA LYS B 107 11.34 -15.35 15.36
C LYS B 107 11.43 -16.17 14.07
N PRO B 108 12.64 -16.27 13.50
CA PRO B 108 12.87 -16.96 12.22
C PRO B 108 12.37 -18.41 12.24
N SER B 109 12.34 -19.04 13.41
CA SER B 109 11.79 -20.38 13.52
C SER B 109 10.34 -20.46 13.06
N SER B 110 9.62 -19.34 13.12
CA SER B 110 8.21 -19.33 12.75
C SER B 110 7.98 -19.00 11.28
N TRP B 111 9.04 -18.59 10.58
CA TRP B 111 8.91 -18.12 9.21
C TRP B 111 8.50 -19.22 8.25
N THR B 112 7.79 -18.84 7.20
CA THR B 112 7.49 -19.74 6.10
C THR B 112 8.73 -19.79 5.22
N VAL B 113 9.23 -20.99 4.91
CA VAL B 113 10.45 -21.08 4.12
C VAL B 113 10.11 -21.85 2.86
N VAL B 114 10.30 -21.24 1.70
CA VAL B 114 9.92 -21.89 0.45
C VAL B 114 11.06 -22.01 -0.53
N GLY B 115 10.87 -22.82 -1.56
CA GLY B 115 11.90 -23.06 -2.55
C GLY B 115 12.50 -24.44 -2.36
N PRO B 116 12.73 -25.16 -3.46
CA PRO B 116 13.31 -26.51 -3.36
C PRO B 116 14.75 -26.43 -2.88
#